data_3UMT
#
_entry.id   3UMT
#
_cell.length_a   65.290
_cell.length_b   65.290
_cell.length_c   96.202
_cell.angle_alpha   90.00
_cell.angle_beta   90.00
_cell.angle_gamma   120.00
#
_symmetry.space_group_name_H-M   'P 31 2 1'
#
loop_
_entity.id
_entity.type
_entity.pdbx_description
1 polymer 'scFv heavy chain and light chain'
2 non-polymer '2-[N-CYCLOHEXYLAMINO]ETHANE SULFONIC ACID'
3 water water
#
_entity_poly.entity_id   1
_entity_poly.type   'polypeptide(L)'
_entity_poly.pdbx_seq_one_letter_code
;MAQVQLQQSGLELVKPGASVKISCKTSGYTFTEYTMHWVKQSHGKSLEWIGGINPNNGGTSYNQKFKGKAILTVDKSSST
AYLELRSLTSEDSAVYYCARDDRYPAWFAYWGQGTTVTVSSGGGGSGGGGSGGGGSTDIQLTQSPSSLSASLGERVSITC
RASQDIGSNLNWLQQKPDGTIKRLIYATSSLDSGVPKRFSGSRSGSDYSLTISSLESEDFVDYYCLQYASSPPTFGGGTK
LEIKRAAALEHHHHHH
;
_entity_poly.pdbx_strand_id   A
#
# COMPACT_ATOMS: atom_id res chain seq x y z
N GLN A 3 13.67 6.94 -13.88
CA GLN A 3 12.50 6.14 -13.34
C GLN A 3 11.94 6.77 -12.05
N VAL A 4 10.64 6.59 -11.83
CA VAL A 4 9.99 7.09 -10.61
C VAL A 4 10.61 6.46 -9.36
N GLN A 5 10.94 7.28 -8.36
CA GLN A 5 11.51 6.77 -7.13
C GLN A 5 10.91 7.56 -5.99
N LEU A 6 10.32 6.86 -5.02
CA LEU A 6 9.95 7.48 -3.78
C LEU A 6 10.97 6.99 -2.77
N GLN A 7 11.84 7.89 -2.35
CA GLN A 7 12.94 7.46 -1.52
C GLN A 7 12.65 7.96 -0.10
N GLN A 8 12.42 7.02 0.82
CA GLN A 8 12.00 7.43 2.17
C GLN A 8 13.17 7.52 3.13
N SER A 9 12.97 8.31 4.20
CA SER A 9 14.02 8.54 5.16
C SER A 9 14.24 7.34 6.07
N GLY A 10 15.23 7.45 6.95
CA GLY A 10 15.76 6.30 7.67
C GLY A 10 15.04 5.99 8.96
N LEU A 11 15.54 4.97 9.66
CA LEU A 11 15.00 4.52 10.94
C LEU A 11 14.75 5.65 11.90
N GLU A 12 13.56 5.68 12.50
CA GLU A 12 13.32 6.56 13.65
C GLU A 12 13.22 5.73 14.91
N LEU A 13 14.21 5.85 15.78
CA LEU A 13 14.17 5.09 17.02
C LEU A 13 14.01 6.15 18.06
N VAL A 14 12.82 6.25 18.68
CA VAL A 14 12.54 7.44 19.47
C VAL A 14 11.84 7.08 20.78
N LYS A 15 11.81 8.00 21.74
CA LYS A 15 11.19 7.72 23.03
C LYS A 15 9.70 8.01 22.96
N PRO A 16 8.91 7.38 23.84
CA PRO A 16 7.46 7.67 23.92
C PRO A 16 7.19 9.13 24.10
N GLY A 17 6.16 9.62 23.45
CA GLY A 17 5.83 11.03 23.54
C GLY A 17 6.51 11.91 22.48
N ALA A 18 7.60 11.45 21.90
CA ALA A 18 8.29 12.19 20.85
C ALA A 18 7.40 12.33 19.62
N SER A 19 7.73 13.31 18.78
CA SER A 19 7.13 13.38 17.42
C SER A 19 8.25 13.14 16.44
N VAL A 20 7.93 12.62 15.26
CA VAL A 20 8.94 12.45 14.21
C VAL A 20 8.33 12.94 12.96
N LYS A 21 9.17 13.34 12.01
CA LYS A 21 8.68 13.77 10.74
C LYS A 21 9.49 13.00 9.68
N ILE A 22 8.83 12.08 8.98
CA ILE A 22 9.45 11.17 8.01
C ILE A 22 9.32 11.79 6.64
N SER A 23 10.28 11.57 5.74
CA SER A 23 10.14 12.18 4.42
C SER A 23 10.05 11.15 3.29
N CYS A 24 9.51 11.60 2.17
CA CYS A 24 9.39 10.75 1.03
C CYS A 24 9.79 11.65 -0.14
N LYS A 25 11.04 11.49 -0.55
CA LYS A 25 11.67 12.41 -1.49
C LYS A 25 11.49 11.78 -2.81
N THR A 26 10.81 12.47 -3.70
CA THR A 26 10.47 11.89 -4.98
C THR A 26 11.40 12.35 -6.10
N SER A 27 11.55 11.49 -7.10
CA SER A 27 12.27 11.85 -8.32
C SER A 27 11.70 11.07 -9.49
N GLY A 28 11.96 11.55 -10.71
CA GLY A 28 11.54 10.80 -11.88
C GLY A 28 10.16 11.15 -12.39
N TYR A 29 9.46 12.06 -11.71
CA TYR A 29 8.16 12.56 -12.16
C TYR A 29 7.87 13.92 -11.54
N THR A 30 6.82 14.59 -11.99
CA THR A 30 6.51 15.90 -11.47
C THR A 30 5.73 15.73 -10.17
N PHE A 31 6.40 16.03 -9.06
CA PHE A 31 5.86 15.80 -7.73
C PHE A 31 4.46 16.38 -7.54
N THR A 32 4.20 17.54 -8.10
CA THR A 32 2.95 18.22 -7.77
C THR A 32 1.76 17.63 -8.47
N GLU A 33 1.97 16.82 -9.51
CA GLU A 33 0.85 16.40 -10.35
C GLU A 33 -0.01 15.31 -9.73
N TYR A 34 0.46 14.63 -8.68
CA TYR A 34 -0.24 13.43 -8.23
C TYR A 34 -0.44 13.38 -6.70
N THR A 35 -1.58 12.86 -6.28
CA THR A 35 -1.84 12.65 -4.83
C THR A 35 -0.80 11.75 -4.24
N MET A 36 -0.38 12.05 -3.00
CA MET A 36 0.54 11.18 -2.31
C MET A 36 -0.18 10.64 -1.06
N HIS A 37 -0.10 9.31 -0.87
CA HIS A 37 -0.75 8.63 0.27
C HIS A 37 0.33 8.19 1.25
N TRP A 38 -0.08 7.98 2.50
CA TRP A 38 0.78 7.26 3.45
C TRP A 38 0.02 6.09 4.06
N VAL A 39 0.77 5.02 4.38
CA VAL A 39 0.17 3.74 4.76
C VAL A 39 0.99 3.20 5.91
N LYS A 40 0.30 2.65 6.91
CA LYS A 40 0.97 2.02 8.04
C LYS A 40 0.92 0.49 7.91
N GLN A 41 2.00 -0.19 8.30
CA GLN A 41 1.92 -1.64 8.43
C GLN A 41 2.60 -2.08 9.71
N SER A 42 1.80 -2.50 10.66
CA SER A 42 2.37 -3.02 11.91
C SER A 42 3.11 -4.32 11.62
N HIS A 43 4.10 -4.66 12.43
CA HIS A 43 4.89 -5.82 12.15
C HIS A 43 4.03 -7.10 12.12
N GLY A 44 4.16 -7.85 11.03
CA GLY A 44 3.41 -9.09 10.84
C GLY A 44 1.95 -8.89 10.48
N LYS A 45 1.56 -7.65 10.17
CA LYS A 45 0.12 -7.45 9.96
C LYS A 45 -0.17 -6.86 8.59
N SER A 46 -1.43 -6.54 8.38
CA SER A 46 -1.78 -6.00 7.09
C SER A 46 -1.60 -4.47 7.14
N LEU A 47 -2.00 -3.83 6.05
CA LEU A 47 -1.75 -2.42 5.86
C LEU A 47 -2.94 -1.56 6.23
N GLU A 48 -2.70 -0.30 6.58
CA GLU A 48 -3.79 0.58 6.84
C GLU A 48 -3.50 1.87 6.14
N TRP A 49 -4.50 2.45 5.44
CA TRP A 49 -4.28 3.80 4.89
C TRP A 49 -4.40 4.90 5.96
N ILE A 50 -3.40 5.79 6.01
CA ILE A 50 -3.38 6.90 6.97
C ILE A 50 -4.09 8.17 6.42
N GLY A 51 -3.70 8.58 5.20
CA GLY A 51 -4.29 9.77 4.62
C GLY A 51 -3.63 10.02 3.26
N GLY A 52 -4.09 11.05 2.56
CA GLY A 52 -3.58 11.38 1.26
C GLY A 52 -3.62 12.90 1.11
N ILE A 53 -2.74 13.44 0.28
CA ILE A 53 -2.64 14.89 0.17
C ILE A 53 -2.44 15.26 -1.29
N ASN A 54 -3.12 16.32 -1.73
CA ASN A 54 -2.97 16.81 -3.13
C ASN A 54 -1.90 17.89 -3.09
N PRO A 55 -0.72 17.63 -3.66
CA PRO A 55 0.36 18.61 -3.50
C PRO A 55 0.09 19.95 -4.21
N ASN A 56 -0.85 19.98 -5.15
CA ASN A 56 -1.23 21.24 -5.83
C ASN A 56 -1.99 22.21 -4.93
N ASN A 57 -2.71 21.73 -3.93
CA ASN A 57 -3.54 22.63 -3.12
C ASN A 57 -3.51 22.35 -1.60
N GLY A 58 -2.68 21.38 -1.18
CA GLY A 58 -2.66 21.01 0.24
C GLY A 58 -3.91 20.33 0.79
N GLY A 59 -4.83 19.96 -0.09
CA GLY A 59 -6.08 19.32 0.27
C GLY A 59 -5.75 17.93 0.84
N THR A 60 -6.25 17.61 2.02
CA THR A 60 -5.71 16.40 2.71
C THR A 60 -6.91 15.68 3.25
N SER A 61 -6.96 14.36 3.07
CA SER A 61 -8.03 13.52 3.60
C SER A 61 -7.38 12.53 4.56
N TYR A 62 -7.97 12.32 5.75
CA TYR A 62 -7.38 11.41 6.77
C TYR A 62 -8.34 10.27 7.06
N ASN A 63 -7.77 9.11 7.28
CA ASN A 63 -8.51 8.04 7.92
C ASN A 63 -8.85 8.52 9.34
N GLN A 64 -10.11 8.36 9.76
CA GLN A 64 -10.56 8.99 11.00
C GLN A 64 -9.72 8.49 12.18
N LYS A 65 -9.29 7.24 12.13
CA LYS A 65 -8.49 6.69 13.24
C LYS A 65 -7.08 7.30 13.38
N PHE A 66 -6.59 7.94 12.32
CA PHE A 66 -5.30 8.62 12.41
C PHE A 66 -5.37 10.14 12.63
N LYS A 67 -6.56 10.71 12.70
CA LYS A 67 -6.64 12.15 12.96
C LYS A 67 -6.15 12.33 14.40
N GLY A 68 -5.24 13.27 14.58
CA GLY A 68 -4.62 13.54 15.89
C GLY A 68 -3.28 12.83 16.02
N LYS A 69 -3.04 11.85 15.16
CA LYS A 69 -1.76 11.13 15.17
C LYS A 69 -0.88 11.57 14.01
N ALA A 70 -1.46 11.63 12.81
CA ALA A 70 -0.67 11.80 11.61
C ALA A 70 -0.98 13.17 10.99
N ILE A 71 0.04 13.87 10.52
CA ILE A 71 -0.19 15.14 9.81
C ILE A 71 0.61 15.09 8.54
N LEU A 72 -0.07 15.27 7.42
CA LEU A 72 0.58 15.20 6.09
C LEU A 72 0.84 16.61 5.58
N THR A 73 2.05 16.83 5.07
CA THR A 73 2.41 18.06 4.38
C THR A 73 3.24 17.77 3.16
N VAL A 74 3.42 18.79 2.31
CA VAL A 74 4.35 18.63 1.20
C VAL A 74 5.25 19.85 1.10
N ASP A 75 6.42 19.67 0.51
CA ASP A 75 7.29 20.80 0.23
C ASP A 75 7.57 20.77 -1.28
N LYS A 76 6.81 21.57 -2.03
CA LYS A 76 6.95 21.65 -3.49
C LYS A 76 8.39 22.01 -3.85
N SER A 77 9.01 22.91 -3.11
CA SER A 77 10.36 23.36 -3.50
C SER A 77 11.40 22.21 -3.50
N SER A 78 11.17 21.16 -2.71
CA SER A 78 12.11 20.05 -2.63
C SER A 78 11.48 18.73 -3.16
N SER A 79 10.27 18.80 -3.71
CA SER A 79 9.62 17.58 -4.24
C SER A 79 9.57 16.46 -3.16
N THR A 80 9.25 16.89 -1.96
CA THR A 80 9.23 15.97 -0.81
C THR A 80 7.87 16.01 -0.08
N ALA A 81 7.30 14.82 0.21
CA ALA A 81 6.07 14.73 1.01
C ALA A 81 6.54 14.32 2.39
N TYR A 82 5.87 14.82 3.42
CA TYR A 82 6.23 14.48 4.81
C TYR A 82 5.08 13.86 5.56
N LEU A 83 5.42 13.01 6.53
CA LEU A 83 4.39 12.48 7.41
C LEU A 83 4.95 12.75 8.82
N GLU A 84 4.22 13.54 9.58
CA GLU A 84 4.58 13.80 10.96
C GLU A 84 3.68 12.95 11.85
N LEU A 85 4.28 12.25 12.82
CA LEU A 85 3.55 11.38 13.71
C LEU A 85 3.73 12.02 15.08
N ARG A 86 2.62 12.32 15.74
CA ARG A 86 2.66 13.07 17.01
C ARG A 86 2.57 12.14 18.22
N SER A 87 3.25 12.55 19.29
CA SER A 87 3.06 11.94 20.63
C SER A 87 3.10 10.39 20.55
N LEU A 88 4.24 9.86 20.12
CA LEU A 88 4.36 8.47 19.76
C LEU A 88 4.21 7.53 20.95
N THR A 89 3.55 6.42 20.72
CA THR A 89 3.50 5.32 21.70
C THR A 89 3.89 4.00 21.04
N SER A 90 3.99 2.96 21.87
CA SER A 90 4.25 1.57 21.39
C SER A 90 3.43 1.16 20.20
N GLU A 91 2.16 1.52 20.19
CA GLU A 91 1.29 1.02 19.12
C GLU A 91 1.55 1.73 17.79
N ASP A 92 2.33 2.81 17.84
CA ASP A 92 2.77 3.48 16.60
C ASP A 92 4.00 2.81 15.95
N SER A 93 4.67 1.87 16.63
CA SER A 93 5.88 1.20 16.10
C SER A 93 5.42 0.35 14.88
N ALA A 94 5.99 0.59 13.71
CA ALA A 94 5.48 0.01 12.48
C ALA A 94 6.36 0.49 11.35
N VAL A 95 6.08 -0.01 10.14
CA VAL A 95 6.71 0.52 8.93
C VAL A 95 5.68 1.47 8.28
N TYR A 96 6.14 2.65 7.86
CA TYR A 96 5.25 3.65 7.21
C TYR A 96 5.74 3.78 5.79
N TYR A 97 4.79 3.70 4.83
CA TYR A 97 5.11 3.81 3.40
C TYR A 97 4.45 5.07 2.83
N CYS A 98 5.10 5.70 1.84
CA CYS A 98 4.38 6.65 1.00
C CYS A 98 4.07 5.93 -0.33
N ALA A 99 2.99 6.36 -1.00
CA ALA A 99 2.62 5.81 -2.30
C ALA A 99 2.04 6.96 -3.11
N ARG A 100 2.34 7.05 -4.42
CA ARG A 100 1.74 8.14 -5.21
C ARG A 100 0.81 7.58 -6.25
N ASP A 101 -0.25 8.31 -6.59
CA ASP A 101 -1.16 7.86 -7.64
C ASP A 101 -0.54 8.13 -9.02
N ASP A 102 -1.03 7.41 -10.01
CA ASP A 102 -0.92 7.83 -11.41
C ASP A 102 -2.33 8.30 -11.79
N ARG A 103 -2.53 8.77 -13.04
CA ARG A 103 -3.84 9.22 -13.45
C ARG A 103 -4.92 8.17 -13.16
N TYR A 104 -6.05 8.60 -12.62
CA TYR A 104 -7.18 7.72 -12.33
C TYR A 104 -7.52 6.93 -13.56
N PRO A 105 -7.79 5.62 -13.42
CA PRO A 105 -7.96 4.84 -12.17
C PRO A 105 -6.68 4.11 -11.67
N ALA A 106 -5.53 4.60 -12.11
CA ALA A 106 -4.26 3.96 -11.80
C ALA A 106 -3.74 4.53 -10.48
N TRP A 107 -4.57 4.52 -9.46
CA TRP A 107 -4.13 5.02 -8.15
C TRP A 107 -3.19 4.06 -7.43
N PHE A 108 -2.40 4.59 -6.49
CA PHE A 108 -1.41 3.78 -5.78
C PHE A 108 -0.41 3.07 -6.68
N ALA A 109 0.18 3.83 -7.61
CA ALA A 109 1.00 3.24 -8.64
C ALA A 109 2.45 2.98 -8.22
N TYR A 110 3.02 3.86 -7.40
CA TYR A 110 4.40 3.68 -7.04
C TYR A 110 4.53 3.82 -5.54
N TRP A 111 5.46 3.05 -4.98
CA TRP A 111 5.56 2.92 -3.49
C TRP A 111 6.96 3.23 -3.02
N GLY A 112 7.08 3.95 -1.90
CA GLY A 112 8.35 4.06 -1.21
C GLY A 112 8.73 2.73 -0.55
N GLN A 113 9.98 2.67 -0.08
CA GLN A 113 10.57 1.42 0.42
C GLN A 113 10.19 1.20 1.88
N GLY A 114 9.46 2.16 2.46
CA GLY A 114 9.07 2.07 3.88
C GLY A 114 10.13 2.57 4.87
N THR A 115 9.65 3.23 5.93
CA THR A 115 10.48 3.74 7.03
C THR A 115 9.99 3.12 8.32
N THR A 116 10.92 2.53 9.07
CA THR A 116 10.55 1.93 10.35
C THR A 116 10.56 3.02 11.42
N VAL A 117 9.52 3.01 12.25
CA VAL A 117 9.48 3.85 13.44
C VAL A 117 9.38 2.93 14.61
N THR A 118 10.28 3.09 15.57
CA THR A 118 10.32 2.20 16.74
C THR A 118 10.28 3.06 17.96
N VAL A 119 9.29 2.82 18.82
CA VAL A 119 9.08 3.65 20.01
C VAL A 119 9.55 2.83 21.19
N SER A 120 10.63 3.24 21.78
CA SER A 120 11.18 2.42 22.84
C SER A 120 11.70 3.29 23.93
N SER A 121 11.44 2.92 25.19
CA SER A 121 12.10 3.60 26.30
C SER A 121 13.60 3.27 26.31
N THR A 137 -18.62 1.93 9.03
CA THR A 137 -19.00 2.25 7.61
C THR A 137 -17.83 2.02 6.61
N ASP A 138 -16.63 1.70 7.11
CA ASP A 138 -15.51 1.48 6.20
C ASP A 138 -15.70 0.20 5.43
N ILE A 139 -15.24 0.15 4.19
CA ILE A 139 -15.30 -1.10 3.45
C ILE A 139 -14.27 -2.13 3.95
N GLN A 140 -14.72 -3.35 4.23
CA GLN A 140 -13.86 -4.49 4.54
C GLN A 140 -13.63 -5.32 3.28
N LEU A 141 -12.40 -5.77 3.14
CA LEU A 141 -12.02 -6.70 2.09
C LEU A 141 -11.59 -7.96 2.79
N THR A 142 -12.38 -9.00 2.59
CA THR A 142 -12.05 -10.29 3.14
C THR A 142 -11.20 -11.07 2.15
N GLN A 143 -9.93 -11.21 2.46
CA GLN A 143 -9.00 -11.83 1.51
C GLN A 143 -8.79 -13.27 1.89
N SER A 144 -8.93 -14.18 0.92
CA SER A 144 -8.70 -15.58 1.22
C SER A 144 -8.05 -16.27 0.05
N PRO A 145 -7.27 -17.32 0.33
CA PRO A 145 -6.89 -17.81 1.66
C PRO A 145 -5.72 -16.97 2.25
N SER A 146 -5.55 -16.97 3.57
CA SER A 146 -4.45 -16.17 4.15
C SER A 146 -3.09 -16.82 3.90
N SER A 147 -3.09 -18.14 3.73
CA SER A 147 -1.85 -18.83 3.35
C SER A 147 -2.15 -19.90 2.31
N LEU A 148 -1.23 -20.07 1.38
CA LEU A 148 -1.42 -20.93 0.24
C LEU A 148 -0.08 -21.63 -0.02
N SER A 149 -0.09 -22.95 -0.08
CA SER A 149 1.10 -23.69 -0.42
C SER A 149 0.95 -24.24 -1.86
N ALA A 150 1.94 -24.03 -2.71
CA ALA A 150 1.89 -24.54 -4.08
C ALA A 150 3.29 -24.86 -4.56
N SER A 151 3.41 -25.38 -5.79
CA SER A 151 4.72 -25.78 -6.32
C SER A 151 4.97 -25.01 -7.59
N LEU A 152 6.22 -24.99 -8.05
CA LEU A 152 6.57 -24.28 -9.27
C LEU A 152 5.68 -24.77 -10.40
N GLY A 153 5.38 -23.89 -11.36
CA GLY A 153 4.57 -24.25 -12.52
C GLY A 153 3.07 -24.30 -12.28
N GLU A 154 2.65 -24.36 -11.02
CA GLU A 154 1.21 -24.40 -10.69
C GLU A 154 0.45 -23.09 -10.98
N ARG A 155 -0.88 -23.16 -10.91
CA ARG A 155 -1.73 -21.98 -11.09
C ARG A 155 -2.55 -21.79 -9.81
N VAL A 156 -2.54 -20.59 -9.24
CA VAL A 156 -3.31 -20.34 -8.02
C VAL A 156 -4.11 -19.04 -8.15
N SER A 157 -5.21 -18.97 -7.38
CA SER A 157 -6.01 -17.75 -7.35
C SER A 157 -6.11 -17.25 -5.90
N ILE A 158 -6.09 -15.93 -5.76
CA ILE A 158 -6.21 -15.29 -4.44
C ILE A 158 -7.43 -14.40 -4.55
N THR A 159 -8.29 -14.35 -3.55
CA THR A 159 -9.54 -13.64 -3.74
C THR A 159 -9.82 -12.63 -2.66
N CYS A 160 -10.42 -11.52 -3.07
CA CYS A 160 -10.92 -10.52 -2.12
C CYS A 160 -12.39 -10.28 -2.29
N ARG A 161 -13.11 -10.41 -1.17
CA ARG A 161 -14.51 -10.15 -1.17
C ARG A 161 -14.80 -8.83 -0.51
N ALA A 162 -15.47 -7.98 -1.26
CA ALA A 162 -15.72 -6.61 -0.86
C ALA A 162 -16.97 -6.54 -0.02
N SER A 163 -16.88 -5.89 1.14
CA SER A 163 -18.02 -5.73 2.02
C SER A 163 -19.13 -4.85 1.44
N GLN A 164 -18.79 -3.90 0.56
CA GLN A 164 -19.77 -3.12 -0.18
C GLN A 164 -19.30 -3.00 -1.60
N ASP A 165 -20.13 -2.46 -2.48
CA ASP A 165 -19.74 -2.37 -3.90
C ASP A 165 -18.54 -1.43 -4.05
N ILE A 166 -17.49 -1.88 -4.75
CA ILE A 166 -16.32 -1.05 -5.01
C ILE A 166 -16.12 -0.84 -6.52
N GLY A 167 -17.08 -1.26 -7.34
CA GLY A 167 -16.91 -1.08 -8.78
C GLY A 167 -15.63 -1.72 -9.28
N SER A 168 -14.86 -1.05 -10.14
CA SER A 168 -13.62 -1.65 -10.61
C SER A 168 -12.41 -1.13 -9.77
N ASN A 169 -12.66 -0.34 -8.72
CA ASN A 169 -11.56 0.29 -7.98
C ASN A 169 -10.85 -0.65 -7.01
N LEU A 170 -10.13 -1.62 -7.56
CA LEU A 170 -9.42 -2.62 -6.76
C LEU A 170 -8.05 -2.88 -7.36
N ASN A 171 -7.00 -2.74 -6.53
CA ASN A 171 -5.63 -3.01 -6.94
C ASN A 171 -5.10 -4.27 -6.29
N TRP A 172 -4.14 -4.93 -6.94
CA TRP A 172 -3.40 -6.04 -6.32
C TRP A 172 -1.96 -5.65 -6.13
N LEU A 173 -1.48 -5.81 -4.89
CA LEU A 173 -0.12 -5.46 -4.55
C LEU A 173 0.66 -6.72 -4.16
N GLN A 174 1.94 -6.69 -4.42
CA GLN A 174 2.84 -7.75 -4.03
C GLN A 174 3.87 -7.20 -3.06
N GLN A 175 4.07 -7.89 -1.94
CA GLN A 175 5.10 -7.46 -1.00
C GLN A 175 6.14 -8.56 -0.76
N LYS A 176 7.39 -8.20 -0.97
CA LYS A 176 8.54 -9.11 -0.81
C LYS A 176 9.02 -9.14 0.65
N PRO A 177 9.85 -10.13 0.98
CA PRO A 177 10.22 -10.25 2.40
C PRO A 177 11.02 -9.07 2.90
N ASP A 178 11.64 -8.32 2.00
CA ASP A 178 12.43 -7.16 2.41
C ASP A 178 11.48 -5.98 2.71
N GLY A 179 10.18 -6.20 2.55
CA GLY A 179 9.20 -5.16 2.80
C GLY A 179 8.81 -4.33 1.58
N THR A 180 9.52 -4.45 0.47
CA THR A 180 9.19 -3.60 -0.68
C THR A 180 7.79 -3.98 -1.25
N ILE A 181 7.04 -2.96 -1.69
CA ILE A 181 5.68 -3.15 -2.21
C ILE A 181 5.67 -2.73 -3.66
N LYS A 182 5.02 -3.54 -4.51
CA LYS A 182 4.88 -3.17 -5.92
C LYS A 182 3.43 -3.40 -6.37
N ARG A 183 2.87 -2.50 -7.19
CA ARG A 183 1.53 -2.75 -7.65
C ARG A 183 1.65 -3.70 -8.87
N LEU A 184 0.85 -4.76 -8.89
CA LEU A 184 0.81 -5.64 -10.07
C LEU A 184 -0.37 -5.36 -11.03
N ILE A 185 -1.53 -5.10 -10.43
CA ILE A 185 -2.82 -4.92 -11.16
C ILE A 185 -3.51 -3.70 -10.62
N TYR A 186 -4.06 -2.86 -11.49
CA TYR A 186 -4.94 -1.77 -11.04
C TYR A 186 -6.29 -1.80 -11.75
N ALA A 187 -7.30 -1.18 -11.14
CA ALA A 187 -8.64 -1.13 -11.76
C ALA A 187 -9.10 -2.53 -12.09
N THR A 188 -8.85 -3.49 -11.18
CA THR A 188 -9.34 -4.87 -11.25
C THR A 188 -8.54 -5.79 -12.18
N SER A 189 -8.37 -5.34 -13.43
CA SER A 189 -7.81 -6.20 -14.48
C SER A 189 -6.64 -5.58 -15.30
N SER A 190 -6.28 -4.32 -15.04
CA SER A 190 -5.17 -3.70 -15.77
C SER A 190 -3.81 -4.11 -15.22
N LEU A 191 -3.01 -4.77 -16.07
CA LEU A 191 -1.69 -5.23 -15.68
C LEU A 191 -0.66 -4.11 -15.74
N ASP A 192 0.11 -3.93 -14.66
CA ASP A 192 1.18 -2.94 -14.66
C ASP A 192 2.29 -3.24 -15.66
N SER A 193 2.90 -2.18 -16.20
CA SER A 193 3.95 -2.38 -17.21
C SER A 193 5.11 -3.15 -16.61
N GLY A 194 5.63 -4.09 -17.37
CA GLY A 194 6.76 -4.89 -16.90
C GLY A 194 6.38 -6.09 -16.04
N VAL A 195 5.14 -6.15 -15.55
CA VAL A 195 4.72 -7.31 -14.74
C VAL A 195 4.43 -8.46 -15.69
N PRO A 196 4.95 -9.66 -15.38
CA PRO A 196 4.80 -10.87 -16.20
C PRO A 196 3.33 -11.12 -16.50
N LYS A 197 3.06 -11.62 -17.70
CA LYS A 197 1.70 -11.85 -18.13
C LYS A 197 1.05 -13.04 -17.38
N ARG A 198 1.84 -13.80 -16.63
CA ARG A 198 1.26 -14.88 -15.82
C ARG A 198 0.36 -14.32 -14.68
N PHE A 199 0.47 -13.03 -14.38
CA PHE A 199 -0.47 -12.43 -13.42
C PHE A 199 -1.69 -11.84 -14.13
N SER A 200 -2.88 -12.18 -13.66
CA SER A 200 -4.08 -11.54 -14.18
C SER A 200 -5.09 -11.30 -13.07
N GLY A 201 -5.85 -10.22 -13.23
CA GLY A 201 -6.88 -9.88 -12.27
C GLY A 201 -8.25 -9.98 -12.90
N SER A 202 -9.26 -10.36 -12.11
CA SER A 202 -10.61 -10.42 -12.62
C SER A 202 -11.64 -10.08 -11.54
N ARG A 203 -12.88 -9.90 -11.96
CA ARG A 203 -13.99 -9.73 -11.04
C ARG A 203 -15.15 -10.61 -11.45
N SER A 204 -15.77 -11.28 -10.47
CA SER A 204 -17.07 -11.89 -10.68
C SER A 204 -17.92 -11.53 -9.47
N GLY A 205 -18.88 -10.62 -9.64
CA GLY A 205 -19.70 -10.20 -8.51
C GLY A 205 -18.93 -9.47 -7.44
N SER A 206 -19.05 -9.92 -6.21
CA SER A 206 -18.28 -9.32 -5.12
C SER A 206 -16.86 -9.91 -4.98
N ASP A 207 -16.48 -10.87 -5.83
CA ASP A 207 -15.18 -11.54 -5.66
C ASP A 207 -14.24 -10.98 -6.72
N TYR A 208 -13.13 -10.45 -6.23
CA TYR A 208 -12.08 -9.90 -7.07
C TYR A 208 -10.90 -10.83 -6.90
N SER A 209 -10.28 -11.27 -7.99
CA SER A 209 -9.25 -12.26 -7.85
C SER A 209 -8.03 -11.96 -8.66
N LEU A 210 -6.93 -12.34 -8.05
CA LEU A 210 -5.63 -12.40 -8.71
C LEU A 210 -5.29 -13.84 -8.98
N THR A 211 -5.03 -14.13 -10.25
CA THR A 211 -4.62 -15.48 -10.62
C THR A 211 -3.21 -15.44 -11.20
N ILE A 212 -2.37 -16.28 -10.67
CA ILE A 212 -0.99 -16.40 -11.10
C ILE A 212 -0.89 -17.73 -11.79
N SER A 213 -0.62 -17.70 -13.08
CA SER A 213 -0.49 -18.97 -13.76
C SER A 213 0.99 -19.29 -13.77
N SER A 214 1.33 -20.56 -13.79
CA SER A 214 2.69 -20.99 -13.95
C SER A 214 3.62 -20.29 -12.96
N LEU A 215 3.46 -20.61 -11.69
CA LEU A 215 4.28 -19.99 -10.66
C LEU A 215 5.78 -20.10 -10.93
N GLU A 216 6.47 -18.99 -10.69
CA GLU A 216 7.94 -18.95 -10.66
C GLU A 216 8.38 -18.76 -9.19
N SER A 217 9.64 -19.05 -8.90
CA SER A 217 10.10 -19.07 -7.51
C SER A 217 9.97 -17.70 -6.82
N GLU A 218 10.20 -16.63 -7.58
CA GLU A 218 10.11 -15.28 -7.02
C GLU A 218 8.66 -14.88 -6.70
N ASP A 219 7.69 -15.71 -7.06
CA ASP A 219 6.28 -15.34 -6.83
C ASP A 219 5.85 -15.71 -5.42
N PHE A 220 6.68 -16.47 -4.70
CA PHE A 220 6.20 -17.05 -3.45
C PHE A 220 6.38 -16.06 -2.28
N VAL A 221 5.55 -15.02 -2.29
CA VAL A 221 5.70 -13.93 -1.34
C VAL A 221 4.33 -13.52 -0.85
N ASP A 222 4.16 -12.28 -0.38
CA ASP A 222 2.86 -11.86 0.16
C ASP A 222 2.10 -10.99 -0.84
N TYR A 223 0.78 -11.08 -0.79
CA TYR A 223 -0.10 -10.32 -1.70
C TYR A 223 -1.23 -9.65 -0.95
N TYR A 224 -1.63 -8.44 -1.39
CA TYR A 224 -2.75 -7.74 -0.78
C TYR A 224 -3.66 -7.11 -1.83
N CYS A 225 -4.95 -7.13 -1.58
CA CYS A 225 -5.85 -6.30 -2.40
C CYS A 225 -6.10 -4.96 -1.69
N LEU A 226 -6.47 -3.97 -2.48
CA LEU A 226 -6.62 -2.60 -1.95
C LEU A 226 -7.75 -1.98 -2.72
N GLN A 227 -8.80 -1.53 -2.03
CA GLN A 227 -9.89 -0.85 -2.70
C GLN A 227 -9.79 0.67 -2.51
N TYR A 228 -10.16 1.38 -3.57
CA TYR A 228 -10.10 2.84 -3.55
C TYR A 228 -11.40 3.44 -4.11
N ALA A 229 -12.50 2.69 -3.94
CA ALA A 229 -13.84 3.17 -4.29
C ALA A 229 -14.35 4.24 -3.35
N SER A 230 -13.99 4.12 -2.07
CA SER A 230 -14.58 4.96 -1.03
C SER A 230 -13.53 5.21 0.04
N SER A 231 -13.58 6.39 0.63
CA SER A 231 -12.67 6.71 1.71
C SER A 231 -13.14 6.15 3.05
N PRO A 232 -12.23 5.54 3.82
CA PRO A 232 -10.77 5.41 3.56
C PRO A 232 -10.50 4.23 2.62
N PRO A 233 -9.51 4.33 1.71
CA PRO A 233 -9.02 3.09 1.06
C PRO A 233 -8.73 2.04 2.12
N THR A 234 -9.01 0.77 1.83
CA THR A 234 -8.76 -0.32 2.80
C THR A 234 -8.14 -1.51 2.10
N PHE A 235 -7.52 -2.37 2.89
CA PHE A 235 -6.72 -3.45 2.35
C PHE A 235 -7.29 -4.80 2.84
N GLY A 236 -7.13 -5.83 2.02
CA GLY A 236 -7.38 -7.19 2.48
C GLY A 236 -6.33 -7.61 3.51
N GLY A 237 -6.61 -8.68 4.25
CA GLY A 237 -5.69 -9.10 5.30
C GLY A 237 -4.42 -9.74 4.83
N GLY A 238 -4.27 -9.98 3.52
CA GLY A 238 -3.04 -10.54 3.00
C GLY A 238 -3.12 -12.05 2.72
N THR A 239 -2.26 -12.50 1.82
CA THR A 239 -2.11 -13.94 1.50
C THR A 239 -0.66 -14.22 1.38
N LYS A 240 -0.19 -15.23 2.11
CA LYS A 240 1.20 -15.62 2.06
C LYS A 240 1.34 -16.89 1.23
N LEU A 241 2.06 -16.77 0.13
CA LEU A 241 2.27 -17.84 -0.83
C LEU A 241 3.57 -18.57 -0.51
N GLU A 242 3.47 -19.88 -0.28
CA GLU A 242 4.61 -20.68 0.14
C GLU A 242 4.86 -21.87 -0.79
N ILE A 243 6.12 -22.20 -1.04
CA ILE A 243 6.41 -23.37 -1.88
C ILE A 243 6.14 -24.68 -1.14
N LYS A 244 5.55 -25.65 -1.84
CA LYS A 244 5.23 -26.94 -1.22
C LYS A 244 6.46 -27.83 -1.25
#